data_3SRZ
#
_entry.id   3SRZ
#
_cell.length_a   141.779
_cell.length_b   141.779
_cell.length_c   63.351
_cell.angle_alpha   90.00
_cell.angle_beta   90.00
_cell.angle_gamma   120.00
#
_symmetry.space_group_name_H-M   'P 65'
#
loop_
_entity.id
_entity.type
_entity.pdbx_description
1 polymer 'Toxin A'
2 non-polymer 'MANGANESE (II) ION'
3 non-polymer "URIDINE-5'-DIPHOSPHATE-GLUCOSE"
4 water water
#
_entity_poly.entity_id   1
_entity_poly.type   'polypeptide(L)'
_entity_poly.pdbx_seq_one_letter_code
;MSLISKEELIKLAYSIRPRENEYKTILTNLDEYNKLTTNNNENKYLQLKKLNESIDVFMNKYKTSSRNRALSNLKKDILK
EVILIKNSNTSPVEKNLHFVWIGGEVSDIALEYIKQWADINAEYNIKLWYDSEAFLVNTLKKAIVESSTTEALQLLEEEI
QNPQFDNMKFYKKRMEFIYDRQKRFINYYKSQINKPTVPTIDDIIKSHLVSEYNRDETVLESYRTNSLRKINSNHGIDIR
ANSLFTEQELLNIYSQELLNRGNLAAASDIVRLLALKNFGGVYLDVDMLPGIHSDLFKTISRPSSIGLDRWEMIKLEAIM
KYKKYINNYTSENFDKLDQQLKDNFKLIIESKSEKSEIFSKLENLNVSDLEIKIAFALGSVINQALISKQGSYLTNLVIE
QVKNRYQFLNQHLNPAIESDNNFTDTTKIFHDSLFNSATAENSMFLTKIAPYLQVGFMPEARSTISLSGPGAYASAYYDF
INLQENTIEKTLKASDLIEFKFPENNLSQLTEQEINSLWSFDQASAKYQFEKYVRDYTGGSLHAGLRGSHHHHHH
;
_entity_poly.pdbx_strand_id   A
#
# COMPACT_ATOMS: atom_id res chain seq x y z
N SER A 2 -25.19 -21.98 1.66
CA SER A 2 -25.05 -22.99 0.61
C SER A 2 -25.88 -22.63 -0.64
N LEU A 3 -25.84 -23.52 -1.64
CA LEU A 3 -26.56 -23.27 -2.88
C LEU A 3 -27.82 -24.13 -3.01
N ILE A 4 -28.68 -23.77 -3.96
CA ILE A 4 -29.81 -24.62 -4.28
C ILE A 4 -29.33 -25.93 -4.91
N SER A 5 -30.11 -26.99 -4.70
CA SER A 5 -29.82 -28.32 -5.24
C SER A 5 -29.95 -28.36 -6.76
N LYS A 6 -29.28 -29.32 -7.38
CA LYS A 6 -29.46 -29.55 -8.80
C LYS A 6 -30.96 -29.66 -9.11
N GLU A 7 -31.67 -30.45 -8.32
CA GLU A 7 -33.09 -30.67 -8.53
C GLU A 7 -33.83 -29.34 -8.55
N GLU A 8 -33.54 -28.51 -7.56
CA GLU A 8 -34.13 -27.17 -7.47
C GLU A 8 -33.85 -26.32 -8.71
N LEU A 9 -32.60 -26.31 -9.15
CA LEU A 9 -32.26 -25.52 -10.32
C LEU A 9 -33.08 -26.00 -11.51
N ILE A 10 -33.29 -27.32 -11.56
CA ILE A 10 -34.03 -27.94 -12.63
C ILE A 10 -35.47 -27.40 -12.74
N LYS A 11 -36.14 -27.22 -11.60
CA LYS A 11 -37.50 -26.63 -11.57
C LYS A 11 -37.51 -25.17 -12.01
N LEU A 12 -36.64 -24.37 -11.43
CA LEU A 12 -36.61 -22.93 -11.64
C LEU A 12 -36.22 -22.50 -13.06
N ALA A 13 -35.30 -23.25 -13.67
CA ALA A 13 -34.82 -22.93 -15.01
C ALA A 13 -35.60 -23.73 -16.06
N TYR A 14 -36.72 -24.31 -15.66
CA TYR A 14 -37.47 -25.16 -16.55
C TYR A 14 -37.69 -24.48 -17.89
N SER A 15 -37.41 -25.19 -18.96
CA SER A 15 -37.75 -24.72 -20.30
C SER A 15 -38.39 -25.84 -21.15
N ILE A 16 -39.34 -25.47 -22.01
CA ILE A 16 -39.98 -26.47 -22.87
C ILE A 16 -38.96 -27.08 -23.81
N ARG A 17 -37.89 -26.32 -24.08
CA ARG A 17 -36.79 -26.76 -24.93
C ARG A 17 -35.88 -27.78 -24.23
N PRO A 18 -35.04 -28.49 -25.01
CA PRO A 18 -34.14 -29.52 -24.48
C PRO A 18 -32.89 -28.93 -23.80
N ARG A 19 -32.29 -29.72 -22.91
CA ARG A 19 -31.09 -29.28 -22.17
C ARG A 19 -29.85 -29.07 -23.05
N GLU A 20 -29.40 -27.83 -23.11
CA GLU A 20 -28.14 -27.50 -23.77
C GLU A 20 -27.02 -28.23 -23.04
N ASN A 21 -25.97 -28.61 -23.76
CA ASN A 21 -24.83 -29.26 -23.11
C ASN A 21 -24.23 -28.38 -22.01
N GLU A 22 -24.27 -27.07 -22.25
CA GLU A 22 -23.69 -26.10 -21.33
C GLU A 22 -24.51 -26.01 -20.07
N TYR A 23 -25.81 -26.23 -20.21
CA TYR A 23 -26.68 -26.23 -19.05
C TYR A 23 -26.41 -27.49 -18.26
N LYS A 24 -26.27 -28.60 -18.97
CA LYS A 24 -25.97 -29.88 -18.33
C LYS A 24 -24.70 -29.80 -17.48
N THR A 25 -23.70 -29.08 -18.00
CA THR A 25 -22.43 -28.88 -17.29
C THR A 25 -22.63 -28.04 -16.02
N ILE A 26 -23.40 -26.96 -16.13
CA ILE A 26 -23.76 -26.17 -14.97
C ILE A 26 -24.41 -27.04 -13.90
N LEU A 27 -25.52 -27.67 -14.26
CA LEU A 27 -26.16 -28.67 -13.42
C LEU A 27 -25.15 -29.58 -12.71
N THR A 28 -24.07 -29.95 -13.40
CA THR A 28 -23.12 -30.91 -12.83
C THR A 28 -22.14 -30.24 -11.87
N ASN A 29 -21.65 -29.08 -12.28
CA ASN A 29 -20.80 -28.29 -11.43
C ASN A 29 -21.50 -27.87 -10.13
N LEU A 30 -22.79 -27.52 -10.23
CA LEU A 30 -23.53 -27.11 -9.05
C LEU A 30 -23.75 -28.29 -8.09
N ASP A 31 -24.07 -29.46 -8.65
CA ASP A 31 -24.28 -30.65 -7.84
C ASP A 31 -22.95 -31.05 -7.20
N GLU A 32 -21.90 -31.02 -7.99
CA GLU A 32 -20.56 -31.34 -7.50
C GLU A 32 -20.19 -30.45 -6.32
N TYR A 33 -20.44 -29.14 -6.46
CA TYR A 33 -20.22 -28.19 -5.38
C TYR A 33 -21.03 -28.47 -4.10
N ASN A 34 -22.31 -28.74 -4.22
CA ASN A 34 -23.12 -28.98 -3.03
C ASN A 34 -22.61 -30.20 -2.25
N LYS A 35 -22.22 -31.22 -3.00
CA LYS A 35 -21.78 -32.49 -2.42
C LYS A 35 -20.30 -32.45 -2.07
N LEU A 36 -19.72 -31.27 -2.15
CA LEU A 36 -18.31 -31.12 -1.84
C LEU A 36 -18.05 -31.31 -0.35
N THR A 37 -17.59 -32.51 -0.02
CA THR A 37 -17.38 -32.93 1.36
C THR A 37 -15.97 -32.61 1.86
N THR A 38 -15.73 -31.35 2.22
CA THR A 38 -14.41 -30.89 2.64
C THR A 38 -14.51 -29.63 3.48
N ASN A 39 -13.46 -29.36 4.25
CA ASN A 39 -13.40 -28.14 5.05
C ASN A 39 -12.31 -27.20 4.54
N ASN A 40 -11.64 -27.60 3.45
CA ASN A 40 -10.62 -26.77 2.84
C ASN A 40 -11.25 -25.63 2.04
N ASN A 41 -11.05 -24.40 2.52
CA ASN A 41 -11.71 -23.23 1.97
C ASN A 41 -11.35 -22.95 0.52
N GLU A 42 -10.06 -23.02 0.23
CA GLU A 42 -9.58 -22.77 -1.13
C GLU A 42 -10.22 -23.74 -2.11
N ASN A 43 -10.30 -25.00 -1.73
CA ASN A 43 -11.01 -26.00 -2.54
C ASN A 43 -12.46 -25.62 -2.83
N LYS A 44 -13.20 -25.23 -1.79
CA LYS A 44 -14.60 -24.86 -1.99
C LYS A 44 -14.70 -23.68 -2.94
N TYR A 45 -13.80 -22.71 -2.77
CA TYR A 45 -13.82 -21.47 -3.55
C TYR A 45 -13.62 -21.73 -5.03
N LEU A 46 -12.67 -22.61 -5.35
CA LEU A 46 -12.33 -22.90 -6.73
C LEU A 46 -13.47 -23.60 -7.46
N GLN A 47 -14.22 -24.40 -6.72
CA GLN A 47 -15.36 -25.11 -7.27
C GLN A 47 -16.50 -24.11 -7.51
N LEU A 48 -16.61 -23.13 -6.62
CA LEU A 48 -17.54 -22.06 -6.83
C LEU A 48 -17.14 -21.40 -8.13
N LYS A 49 -15.84 -21.14 -8.27
CA LYS A 49 -15.33 -20.43 -9.43
C LYS A 49 -15.64 -21.18 -10.72
N LYS A 50 -15.39 -22.48 -10.69
CA LYS A 50 -15.66 -23.32 -11.84
C LYS A 50 -17.16 -23.21 -12.20
N LEU A 51 -18.01 -23.36 -11.21
CA LEU A 51 -19.45 -23.26 -11.39
C LEU A 51 -19.83 -21.92 -12.03
N ASN A 52 -19.35 -20.83 -11.46
CA ASN A 52 -19.65 -19.48 -11.94
C ASN A 52 -19.21 -19.26 -13.39
N GLU A 53 -18.02 -19.74 -13.73
CA GLU A 53 -17.54 -19.66 -15.10
C GLU A 53 -18.45 -20.44 -16.03
N SER A 54 -18.84 -21.65 -15.62
CA SER A 54 -19.67 -22.49 -16.48
C SER A 54 -21.03 -21.83 -16.74
N ILE A 55 -21.49 -21.05 -15.77
CA ILE A 55 -22.70 -20.26 -15.91
C ILE A 55 -22.50 -19.10 -16.89
N ASP A 56 -21.38 -18.41 -16.78
CA ASP A 56 -21.14 -17.31 -17.69
C ASP A 56 -21.04 -17.81 -19.13
N VAL A 57 -20.41 -18.95 -19.33
CA VAL A 57 -20.32 -19.48 -20.69
C VAL A 57 -21.70 -19.66 -21.31
N PHE A 58 -22.50 -20.52 -20.70
CA PHE A 58 -23.86 -20.72 -21.15
C PHE A 58 -24.55 -19.40 -21.45
N MET A 59 -24.61 -18.53 -20.44
CA MET A 59 -25.28 -17.23 -20.59
C MET A 59 -24.77 -16.39 -21.75
N ASN A 60 -23.46 -16.40 -21.99
CA ASN A 60 -22.87 -15.60 -23.05
C ASN A 60 -22.95 -16.25 -24.43
N LYS A 61 -23.51 -17.45 -24.48
CA LYS A 61 -23.72 -18.15 -25.74
C LYS A 61 -25.19 -18.17 -26.13
N TYR A 62 -26.04 -18.51 -25.18
CA TYR A 62 -27.47 -18.55 -25.41
C TYR A 62 -28.14 -17.30 -24.83
N LYS A 63 -27.68 -16.12 -25.27
CA LYS A 63 -28.19 -14.84 -24.75
C LYS A 63 -29.73 -14.78 -24.69
N THR A 64 -30.38 -15.57 -25.53
CA THR A 64 -31.85 -15.58 -25.63
C THR A 64 -32.52 -16.62 -24.73
N SER A 65 -31.72 -17.35 -23.95
CA SER A 65 -32.30 -18.43 -23.14
C SER A 65 -33.14 -17.93 -21.98
N SER A 66 -34.26 -18.60 -21.75
CA SER A 66 -35.14 -18.26 -20.66
C SER A 66 -34.50 -18.63 -19.32
N ARG A 67 -33.62 -19.63 -19.36
CA ARG A 67 -32.92 -20.10 -18.17
C ARG A 67 -32.14 -18.97 -17.46
N ASN A 68 -31.80 -17.92 -18.22
CA ASN A 68 -30.98 -16.83 -17.73
C ASN A 68 -31.49 -16.07 -16.51
N ARG A 69 -32.78 -15.84 -16.43
CA ARG A 69 -33.34 -15.27 -15.22
C ARG A 69 -32.88 -16.10 -14.02
N ALA A 70 -33.14 -17.41 -14.05
CA ALA A 70 -32.85 -18.26 -12.90
C ALA A 70 -31.35 -18.33 -12.65
N LEU A 71 -30.58 -18.44 -13.72
CA LEU A 71 -29.12 -18.54 -13.64
C LEU A 71 -28.47 -17.25 -13.15
N SER A 72 -29.13 -16.13 -13.39
CA SER A 72 -28.62 -14.84 -12.93
C SER A 72 -28.86 -14.75 -11.44
N ASN A 73 -30.01 -15.28 -11.01
CA ASN A 73 -30.32 -15.42 -9.59
C ASN A 73 -29.24 -16.26 -8.92
N LEU A 74 -28.87 -17.36 -9.56
CA LEU A 74 -27.83 -18.22 -9.02
C LEU A 74 -26.47 -17.50 -8.92
N LYS A 75 -26.09 -16.69 -9.91
CA LYS A 75 -24.81 -15.98 -9.83
C LYS A 75 -24.83 -15.04 -8.64
N LYS A 76 -26.01 -14.49 -8.35
CA LYS A 76 -26.17 -13.68 -7.16
C LYS A 76 -25.91 -14.51 -5.90
N ASP A 77 -26.52 -15.69 -5.82
CA ASP A 77 -26.37 -16.56 -4.65
C ASP A 77 -24.91 -16.92 -4.43
N ILE A 78 -24.18 -17.08 -5.53
CA ILE A 78 -22.80 -17.49 -5.48
C ILE A 78 -21.95 -16.42 -4.83
N LEU A 79 -22.15 -15.17 -5.25
CA LEU A 79 -21.45 -14.05 -4.61
C LEU A 79 -21.59 -14.17 -3.10
N LYS A 80 -22.80 -14.45 -2.62
CA LYS A 80 -23.02 -14.51 -1.19
C LYS A 80 -22.26 -15.69 -0.61
N GLU A 81 -22.25 -16.80 -1.35
CA GLU A 81 -21.59 -18.02 -0.91
C GLU A 81 -20.10 -17.79 -0.69
N VAL A 82 -19.49 -16.93 -1.51
CA VAL A 82 -18.07 -16.62 -1.38
C VAL A 82 -17.85 -16.04 0.02
N ILE A 83 -18.74 -15.15 0.42
CA ILE A 83 -18.64 -14.53 1.73
C ILE A 83 -18.86 -15.56 2.84
N LEU A 84 -19.79 -16.49 2.64
CA LEU A 84 -20.02 -17.57 3.60
C LEU A 84 -18.77 -18.40 3.85
N ILE A 85 -18.11 -18.81 2.78
CA ILE A 85 -16.87 -19.57 2.85
C ILE A 85 -15.78 -18.84 3.64
N LYS A 86 -15.49 -17.60 3.26
CA LYS A 86 -14.42 -16.85 3.91
C LYS A 86 -14.77 -16.46 5.33
N ASN A 87 -16.04 -16.53 5.69
CA ASN A 87 -16.43 -16.25 7.06
C ASN A 87 -16.63 -17.51 7.91
N SER A 88 -16.02 -18.62 7.46
CA SER A 88 -15.98 -19.86 8.24
C SER A 88 -14.53 -20.32 8.39
N ASN A 89 -14.30 -21.36 9.20
CA ASN A 89 -12.94 -21.80 9.51
C ASN A 89 -12.05 -20.61 9.90
N THR A 90 -12.68 -19.66 10.57
CA THR A 90 -12.03 -18.47 11.06
C THR A 90 -11.26 -18.76 12.34
N SER A 91 -10.01 -18.33 12.38
CA SER A 91 -9.19 -18.41 13.60
C SER A 91 -8.21 -17.24 13.65
N PRO A 92 -7.57 -17.02 14.81
CA PRO A 92 -6.75 -15.81 15.00
C PRO A 92 -5.45 -15.82 14.20
N VAL A 93 -5.14 -14.66 13.60
CA VAL A 93 -3.90 -14.48 12.84
C VAL A 93 -2.68 -14.77 13.66
N GLU A 94 -1.63 -15.21 12.98
CA GLU A 94 -0.31 -15.29 13.57
C GLU A 94 -0.11 -14.00 14.35
N LYS A 95 0.38 -14.08 15.59
CA LYS A 95 0.53 -12.88 16.41
C LYS A 95 1.83 -12.13 16.13
N ASN A 96 1.99 -11.64 14.89
CA ASN A 96 3.13 -10.80 14.51
C ASN A 96 2.70 -9.37 14.15
N LEU A 97 3.50 -8.41 14.60
CA LEU A 97 3.36 -7.03 14.14
C LEU A 97 4.50 -6.70 13.19
N HIS A 98 4.17 -6.62 11.91
CA HIS A 98 5.13 -6.21 10.89
C HIS A 98 5.19 -4.72 10.68
N PHE A 99 6.42 -4.20 10.73
CA PHE A 99 6.70 -2.83 10.38
C PHE A 99 7.81 -2.86 9.35
N VAL A 100 7.86 -1.83 8.51
CA VAL A 100 8.92 -1.71 7.54
C VAL A 100 9.58 -0.34 7.63
N TRP A 101 10.87 -0.31 7.90
CA TRP A 101 11.64 0.90 7.65
C TRP A 101 12.91 0.67 6.85
N ILE A 102 12.89 1.12 5.60
CA ILE A 102 13.97 0.88 4.69
C ILE A 102 14.58 2.20 4.23
N GLY A 103 15.92 2.22 4.13
CA GLY A 103 16.62 3.27 3.42
C GLY A 103 17.39 4.29 4.24
N GLY A 104 17.33 4.20 5.56
CA GLY A 104 18.12 5.08 6.40
C GLY A 104 17.95 4.76 7.86
N GLU A 105 18.39 5.67 8.72
CA GLU A 105 18.14 5.51 10.14
C GLU A 105 16.64 5.54 10.41
N VAL A 106 16.16 4.52 11.13
CA VAL A 106 14.79 4.54 11.65
C VAL A 106 14.65 5.64 12.73
N SER A 107 13.60 6.47 12.63
CA SER A 107 13.47 7.63 13.52
C SER A 107 12.95 7.30 14.92
N ASP A 108 13.34 8.09 15.91
CA ASP A 108 12.84 7.91 17.28
C ASP A 108 11.33 8.03 17.34
N ILE A 109 10.79 8.95 16.55
CA ILE A 109 9.34 9.13 16.47
C ILE A 109 8.66 7.81 16.08
N ALA A 110 9.06 7.23 14.95
CA ALA A 110 8.55 5.92 14.55
C ALA A 110 8.63 4.92 15.70
N LEU A 111 9.81 4.83 16.31
CA LEU A 111 10.02 3.97 17.48
C LEU A 111 9.02 4.24 18.61
N GLU A 112 8.55 5.47 18.71
CA GLU A 112 7.57 5.83 19.73
C GLU A 112 6.19 5.33 19.34
N TYR A 113 5.82 5.54 18.07
CA TYR A 113 4.58 5.00 17.57
C TYR A 113 4.54 3.51 17.76
N ILE A 114 5.65 2.84 17.40
CA ILE A 114 5.75 1.39 17.54
C ILE A 114 5.64 0.98 19.00
N LYS A 115 6.30 1.73 19.88
CA LYS A 115 6.27 1.41 21.30
C LYS A 115 4.83 1.29 21.84
N GLN A 116 3.92 2.12 21.32
CA GLN A 116 2.53 2.08 21.79
C GLN A 116 1.89 0.77 21.40
N TRP A 117 2.14 0.31 20.18
CA TRP A 117 1.69 -1.03 19.79
C TRP A 117 2.32 -2.08 20.71
N ALA A 118 3.62 -1.95 20.95
CA ALA A 118 4.33 -2.94 21.76
C ALA A 118 3.72 -3.06 23.14
N ASP A 119 3.46 -1.92 23.78
CA ASP A 119 2.92 -1.91 25.15
C ASP A 119 1.58 -2.63 25.26
N ILE A 120 0.62 -2.23 24.43
CA ILE A 120 -0.75 -2.76 24.44
C ILE A 120 -0.80 -4.24 24.07
N ASN A 121 0.18 -4.70 23.29
CA ASN A 121 0.15 -6.03 22.71
C ASN A 121 1.44 -6.82 22.92
N ALA A 122 1.77 -7.03 24.18
CA ALA A 122 2.99 -7.74 24.57
C ALA A 122 3.04 -9.18 24.05
N GLU A 123 1.88 -9.75 23.77
CA GLU A 123 1.79 -11.13 23.32
C GLU A 123 2.13 -11.25 21.83
N TYR A 124 2.21 -10.10 21.17
CA TYR A 124 2.56 -10.09 19.75
C TYR A 124 4.06 -9.96 19.52
N ASN A 125 4.53 -10.55 18.44
CA ASN A 125 5.92 -10.42 18.08
C ASN A 125 6.13 -9.23 17.15
N ILE A 126 7.01 -8.31 17.55
CA ILE A 126 7.35 -7.17 16.71
C ILE A 126 8.48 -7.49 15.71
N LYS A 127 8.17 -7.34 14.42
CA LYS A 127 9.18 -7.43 13.37
C LYS A 127 9.32 -6.08 12.64
N LEU A 128 10.47 -5.44 12.81
CA LEU A 128 10.75 -4.17 12.14
C LEU A 128 11.65 -4.46 10.96
N TRP A 129 11.04 -4.61 9.78
CA TRP A 129 11.80 -5.00 8.59
C TRP A 129 12.68 -3.89 8.08
N TYR A 130 13.84 -4.29 7.57
CA TYR A 130 14.79 -3.35 6.97
C TYR A 130 15.68 -4.06 5.97
N ASP A 131 16.33 -3.26 5.10
CA ASP A 131 17.33 -3.78 4.15
C ASP A 131 18.72 -3.48 4.66
N SER A 132 19.49 -4.53 4.95
CA SER A 132 20.81 -4.35 5.55
C SER A 132 21.86 -3.75 4.61
N GLU A 133 21.53 -3.62 3.32
CA GLU A 133 22.47 -3.09 2.36
C GLU A 133 22.08 -1.71 1.86
N ALA A 134 20.99 -1.16 2.36
CA ALA A 134 20.50 0.08 1.79
C ALA A 134 20.24 1.21 2.78
N PHE A 135 21.15 1.41 3.73
CA PHE A 135 20.91 2.46 4.69
C PHE A 135 21.25 3.82 4.10
N LEU A 136 21.86 3.82 2.93
CA LEU A 136 22.31 5.05 2.32
C LEU A 136 21.41 5.53 1.18
N VAL A 137 20.34 4.80 0.88
CA VAL A 137 19.43 5.20 -0.19
C VAL A 137 18.77 6.56 0.03
N ASN A 138 18.28 6.81 1.23
CA ASN A 138 17.66 8.11 1.46
C ASN A 138 18.64 9.27 1.32
N THR A 139 19.89 9.06 1.70
CA THR A 139 20.89 10.09 1.49
C THR A 139 21.07 10.39 0.00
N LEU A 140 21.30 9.35 -0.78
CA LEU A 140 21.40 9.47 -2.22
C LEU A 140 20.23 10.25 -2.84
N LYS A 141 19.00 9.91 -2.44
CA LYS A 141 17.83 10.63 -2.93
C LYS A 141 17.87 12.10 -2.52
N LYS A 142 18.27 12.37 -1.29
CA LYS A 142 18.34 13.75 -0.82
C LYS A 142 19.43 14.51 -1.59
N ALA A 143 20.56 13.85 -1.85
CA ALA A 143 21.66 14.52 -2.55
C ALA A 143 21.27 14.83 -3.98
N ILE A 144 20.59 13.87 -4.61
CA ILE A 144 20.16 14.05 -5.98
C ILE A 144 19.11 15.15 -6.08
N VAL A 145 18.11 15.10 -5.19
CA VAL A 145 17.02 16.05 -5.28
C VAL A 145 17.53 17.45 -4.95
N GLU A 146 18.32 17.57 -3.89
CA GLU A 146 18.86 18.87 -3.54
C GLU A 146 19.75 19.48 -4.63
N SER A 147 20.62 18.68 -5.24
CA SER A 147 21.43 19.18 -6.33
C SER A 147 20.55 19.66 -7.47
N SER A 148 19.57 18.84 -7.84
CA SER A 148 18.70 19.17 -8.97
C SER A 148 17.92 20.44 -8.69
N THR A 149 17.55 20.61 -7.43
CA THR A 149 16.79 21.79 -7.01
C THR A 149 17.59 23.06 -7.29
N THR A 150 18.84 23.09 -6.85
CA THR A 150 19.64 24.28 -7.09
C THR A 150 20.03 24.43 -8.56
N GLU A 151 20.10 23.32 -9.30
CA GLU A 151 20.37 23.41 -10.74
C GLU A 151 19.22 24.11 -11.44
N ALA A 152 18.01 23.59 -11.20
CA ALA A 152 16.80 24.15 -11.75
C ALA A 152 16.58 25.61 -11.32
N LEU A 153 17.03 25.96 -10.11
CA LEU A 153 16.82 27.31 -9.61
C LEU A 153 17.72 28.29 -10.34
N GLN A 154 18.99 27.94 -10.50
CA GLN A 154 19.90 28.77 -11.26
C GLN A 154 19.37 28.95 -12.68
N LEU A 155 18.98 27.84 -13.29
CA LEU A 155 18.43 27.84 -14.62
C LEU A 155 17.30 28.86 -14.76
N LEU A 156 16.46 28.95 -13.72
CA LEU A 156 15.26 29.76 -13.78
C LEU A 156 15.37 30.97 -12.87
N GLU A 157 16.56 31.14 -12.28
CA GLU A 157 16.86 32.26 -11.41
C GLU A 157 16.18 33.57 -11.82
N GLU A 158 16.09 33.81 -13.12
CA GLU A 158 15.60 35.09 -13.62
C GLU A 158 14.12 35.08 -14.06
N GLU A 159 13.34 34.14 -13.54
CA GLU A 159 11.91 34.10 -13.87
C GLU A 159 11.07 33.74 -12.66
N ILE A 160 11.71 33.15 -11.66
CA ILE A 160 10.99 32.46 -10.59
C ILE A 160 10.05 33.34 -9.75
N GLN A 161 10.29 34.64 -9.72
CA GLN A 161 9.56 35.52 -8.80
C GLN A 161 8.48 36.40 -9.43
N ASN A 162 8.39 36.39 -10.76
CA ASN A 162 7.24 36.98 -11.43
C ASN A 162 5.96 36.31 -10.94
N PRO A 163 4.91 37.09 -10.66
CA PRO A 163 3.72 36.47 -10.07
C PRO A 163 3.32 35.25 -10.88
N GLN A 164 3.05 35.47 -12.16
CA GLN A 164 2.50 34.45 -13.06
C GLN A 164 3.40 33.23 -13.27
N PHE A 165 4.43 33.10 -12.44
CA PHE A 165 5.38 32.00 -12.57
C PHE A 165 4.82 30.71 -12.01
N ASP A 166 4.33 29.85 -12.92
CA ASP A 166 3.93 28.48 -12.60
C ASP A 166 5.06 27.81 -11.81
N ASN A 167 4.78 27.41 -10.57
CA ASN A 167 5.78 26.72 -9.77
C ASN A 167 6.08 25.40 -10.48
N MET A 168 5.21 25.07 -11.41
CA MET A 168 5.31 23.82 -12.16
C MET A 168 6.46 23.87 -13.18
N LYS A 169 6.73 25.05 -13.73
CA LYS A 169 7.86 25.19 -14.62
C LYS A 169 9.13 24.77 -13.89
N PHE A 170 9.17 25.04 -12.59
CA PHE A 170 10.30 24.62 -11.79
C PHE A 170 10.34 23.10 -11.69
N TYR A 171 9.18 22.48 -11.51
CA TYR A 171 9.12 21.04 -11.27
C TYR A 171 9.43 20.18 -12.50
N LYS A 172 8.93 20.60 -13.66
CA LYS A 172 9.28 19.94 -14.93
C LYS A 172 10.80 20.01 -15.16
N LYS A 173 11.38 21.17 -14.87
CA LYS A 173 12.79 21.41 -15.13
C LYS A 173 13.68 20.67 -14.14
N ARG A 174 13.33 20.74 -12.87
CA ARG A 174 14.10 19.99 -11.89
C ARG A 174 14.08 18.48 -12.18
N MET A 175 12.97 17.99 -12.73
CA MET A 175 12.80 16.57 -12.98
C MET A 175 13.74 16.08 -14.10
N GLU A 176 14.01 16.95 -15.07
CA GLU A 176 15.02 16.66 -16.08
C GLU A 176 16.38 16.39 -15.41
N PHE A 177 16.73 17.24 -14.44
CA PHE A 177 18.02 17.10 -13.77
C PHE A 177 18.05 15.88 -12.88
N ILE A 178 16.96 15.66 -12.14
CA ILE A 178 16.85 14.47 -11.30
C ILE A 178 17.03 13.20 -12.12
N TYR A 179 16.30 13.09 -13.23
CA TYR A 179 16.35 11.88 -14.03
C TYR A 179 17.78 11.60 -14.51
N ASP A 180 18.44 12.63 -15.02
CA ASP A 180 19.83 12.46 -15.45
C ASP A 180 20.69 11.89 -14.33
N ARG A 181 20.56 12.46 -13.13
CA ARG A 181 21.37 12.02 -12.00
C ARG A 181 21.06 10.60 -11.57
N GLN A 182 19.82 10.15 -11.77
CA GLN A 182 19.51 8.75 -11.48
C GLN A 182 20.10 7.80 -12.51
N LYS A 183 20.08 8.17 -13.80
CA LYS A 183 20.69 7.33 -14.82
C LYS A 183 22.18 7.25 -14.50
N ARG A 184 22.74 8.38 -14.09
CA ARG A 184 24.15 8.42 -13.77
C ARG A 184 24.46 7.41 -12.67
N PHE A 185 23.66 7.40 -11.62
CA PHE A 185 23.87 6.47 -10.52
C PHE A 185 23.57 5.01 -10.90
N ILE A 186 22.42 4.77 -11.50
CA ILE A 186 22.07 3.44 -11.97
C ILE A 186 23.19 2.86 -12.87
N ASN A 187 23.72 3.66 -13.78
CA ASN A 187 24.78 3.21 -14.68
C ASN A 187 26.03 2.77 -13.92
N TYR A 188 26.44 3.57 -12.94
CA TYR A 188 27.61 3.22 -12.13
C TYR A 188 27.31 1.94 -11.39
N TYR A 189 26.16 1.92 -10.74
CA TYR A 189 25.69 0.72 -10.09
C TYR A 189 25.81 -0.53 -10.99
N LYS A 190 25.35 -0.46 -12.23
CA LYS A 190 25.41 -1.64 -13.11
C LYS A 190 26.86 -1.97 -13.44
N SER A 191 27.74 -0.99 -13.32
CA SER A 191 29.15 -1.25 -13.62
C SER A 191 29.84 -1.98 -12.47
N GLN A 192 29.15 -2.05 -11.32
CA GLN A 192 29.79 -2.54 -10.10
C GLN A 192 29.21 -3.84 -9.57
N ILE A 193 27.91 -3.99 -9.74
CA ILE A 193 27.15 -4.93 -8.92
C ILE A 193 27.57 -6.38 -9.14
N ASN A 194 28.10 -6.68 -10.33
CA ASN A 194 28.57 -8.03 -10.66
C ASN A 194 30.08 -8.21 -10.61
N LYS A 195 30.79 -7.28 -9.96
CA LYS A 195 32.21 -7.50 -9.77
C LYS A 195 32.44 -8.70 -8.83
N PRO A 196 33.61 -9.35 -8.94
CA PRO A 196 33.99 -10.47 -8.07
C PRO A 196 34.11 -10.06 -6.61
N THR A 197 34.27 -8.75 -6.37
CA THR A 197 34.37 -8.22 -5.01
C THR A 197 33.02 -8.24 -4.32
N VAL A 198 31.99 -8.65 -5.08
CA VAL A 198 30.61 -8.63 -4.62
C VAL A 198 30.30 -7.48 -3.68
N PRO A 199 30.34 -6.25 -4.20
CA PRO A 199 29.99 -5.08 -3.38
C PRO A 199 28.51 -5.06 -3.06
N THR A 200 28.13 -4.41 -1.98
CA THR A 200 26.73 -4.20 -1.62
C THR A 200 26.24 -2.87 -2.20
N ILE A 201 24.91 -2.72 -2.21
CA ILE A 201 24.26 -1.46 -2.57
C ILE A 201 24.87 -0.28 -1.82
N ASP A 202 24.98 -0.39 -0.50
CA ASP A 202 25.56 0.69 0.30
C ASP A 202 26.99 0.99 -0.12
N ASP A 203 27.75 -0.03 -0.52
CA ASP A 203 29.13 0.18 -0.94
C ASP A 203 29.16 1.08 -2.17
N ILE A 204 28.23 0.81 -3.09
CA ILE A 204 28.20 1.51 -4.36
C ILE A 204 27.72 2.93 -4.15
N ILE A 205 26.62 3.08 -3.42
CA ILE A 205 26.10 4.40 -3.08
C ILE A 205 27.19 5.25 -2.44
N LYS A 206 27.86 4.68 -1.44
CA LYS A 206 28.94 5.36 -0.74
C LYS A 206 29.99 5.90 -1.73
N SER A 207 30.54 5.01 -2.54
CA SER A 207 31.54 5.44 -3.51
C SER A 207 31.01 6.60 -4.32
N HIS A 208 29.80 6.43 -4.86
CA HIS A 208 29.21 7.43 -5.73
C HIS A 208 29.17 8.78 -5.05
N LEU A 209 28.55 8.82 -3.87
CA LEU A 209 28.45 10.06 -3.11
C LEU A 209 29.81 10.68 -2.84
N VAL A 210 30.80 9.87 -2.46
CA VAL A 210 32.09 10.45 -2.17
C VAL A 210 32.68 11.12 -3.41
N SER A 211 32.54 10.49 -4.57
CA SER A 211 33.24 11.01 -5.73
C SER A 211 32.45 12.06 -6.51
N GLU A 212 31.12 11.99 -6.42
CA GLU A 212 30.25 12.79 -7.30
C GLU A 212 29.38 13.79 -6.56
N TYR A 213 29.33 13.68 -5.23
CA TYR A 213 28.61 14.64 -4.42
C TYR A 213 29.49 15.15 -3.28
N ASN A 214 30.79 14.93 -3.40
CA ASN A 214 31.73 15.51 -2.47
C ASN A 214 31.36 15.26 -1.00
N ARG A 215 31.07 14.00 -0.67
CA ARG A 215 30.70 13.63 0.69
C ARG A 215 31.81 12.88 1.41
N ASP A 216 31.84 12.97 2.74
CA ASP A 216 32.88 12.26 3.49
C ASP A 216 32.52 10.80 3.74
N GLU A 217 33.46 9.90 3.44
CA GLU A 217 33.25 8.46 3.57
C GLU A 217 33.09 7.95 5.01
N THR A 218 33.92 8.45 5.92
CA THR A 218 33.91 7.99 7.29
C THR A 218 32.59 8.38 7.97
N VAL A 219 32.05 9.52 7.57
CA VAL A 219 30.78 10.00 8.11
C VAL A 219 29.65 9.13 7.57
N LEU A 220 29.67 8.90 6.25
CA LEU A 220 28.76 7.97 5.60
C LEU A 220 28.78 6.60 6.28
N GLU A 221 29.98 6.09 6.54
CA GLU A 221 30.11 4.82 7.22
C GLU A 221 29.52 4.87 8.63
N SER A 222 29.81 5.94 9.37
CA SER A 222 29.30 6.07 10.74
C SER A 222 27.77 6.06 10.73
N TYR A 223 27.19 6.80 9.80
CA TYR A 223 25.73 6.87 9.67
C TYR A 223 25.18 5.50 9.33
N ARG A 224 25.91 4.78 8.48
CA ARG A 224 25.49 3.45 8.09
C ARG A 224 25.45 2.52 9.31
N THR A 225 26.58 2.38 10.00
CA THR A 225 26.67 1.44 11.12
C THR A 225 25.75 1.79 12.26
N ASN A 226 25.58 3.10 12.51
CA ASN A 226 24.66 3.54 13.56
C ASN A 226 23.17 3.48 13.18
N SER A 227 22.88 3.37 11.88
CA SER A 227 21.54 3.04 11.41
C SER A 227 21.29 1.54 11.60
N LEU A 228 22.30 0.74 11.34
CA LEU A 228 22.19 -0.71 11.50
C LEU A 228 22.18 -1.07 12.97
N ARG A 229 23.00 -0.37 13.75
CA ARG A 229 23.05 -0.60 15.18
C ARG A 229 21.66 -0.33 15.73
N LYS A 230 21.16 0.86 15.45
CA LYS A 230 19.89 1.34 15.98
C LYS A 230 18.73 0.38 15.67
N ILE A 231 18.59 0.01 14.41
CA ILE A 231 17.44 -0.81 14.04
C ILE A 231 17.51 -2.20 14.66
N ASN A 232 18.71 -2.79 14.73
CA ASN A 232 18.85 -4.09 15.38
C ASN A 232 18.39 -4.07 16.84
N SER A 233 18.67 -2.98 17.54
CA SER A 233 18.28 -2.81 18.93
C SER A 233 16.78 -2.56 19.09
N ASN A 234 16.09 -2.37 17.97
CA ASN A 234 14.67 -2.09 18.03
C ASN A 234 13.82 -3.03 17.16
N HIS A 235 13.95 -4.33 17.37
CA HIS A 235 13.09 -5.28 16.68
C HIS A 235 13.44 -5.51 15.21
N GLY A 236 14.51 -4.88 14.76
CA GLY A 236 14.92 -4.98 13.37
C GLY A 236 15.19 -6.38 12.89
N ILE A 237 14.74 -6.66 11.67
CA ILE A 237 15.03 -7.93 11.01
C ILE A 237 15.27 -7.72 9.51
N ASP A 238 16.38 -8.26 9.01
CA ASP A 238 16.81 -8.04 7.63
C ASP A 238 16.03 -8.86 6.61
N ILE A 239 15.46 -8.17 5.63
CA ILE A 239 14.75 -8.84 4.53
C ILE A 239 15.67 -9.70 3.65
N ARG A 240 16.97 -9.43 3.68
CA ARG A 240 17.88 -10.17 2.80
C ARG A 240 18.23 -11.50 3.41
N ALA A 241 17.99 -11.62 4.70
CA ALA A 241 18.44 -12.78 5.45
C ALA A 241 17.30 -13.72 5.82
N ASN A 242 16.13 -13.48 5.24
CA ASN A 242 14.95 -14.26 5.61
C ASN A 242 14.11 -14.77 4.46
N SER A 243 14.70 -14.83 3.27
CA SER A 243 14.02 -15.42 2.13
C SER A 243 12.61 -14.86 2.02
N LEU A 244 12.52 -13.55 1.92
CA LEU A 244 11.24 -12.93 1.61
C LEU A 244 11.08 -12.95 0.10
N PHE A 245 12.18 -12.71 -0.60
CA PHE A 245 12.22 -12.73 -2.06
C PHE A 245 12.49 -14.12 -2.59
N THR A 246 11.44 -14.83 -2.97
CA THR A 246 11.54 -16.23 -3.31
C THR A 246 11.73 -16.42 -4.80
N GLU A 247 11.79 -15.32 -5.54
CA GLU A 247 12.08 -15.39 -6.97
C GLU A 247 12.69 -14.08 -7.44
N GLN A 248 13.53 -14.18 -8.47
CA GLN A 248 14.16 -13.01 -9.09
C GLN A 248 13.15 -11.90 -9.47
N GLU A 249 12.00 -12.28 -10.02
CA GLU A 249 11.01 -11.29 -10.44
C GLU A 249 10.66 -10.30 -9.32
N LEU A 250 10.40 -10.80 -8.12
CA LEU A 250 10.04 -9.96 -6.99
C LEU A 250 11.21 -9.10 -6.48
N LEU A 251 12.40 -9.70 -6.48
CA LEU A 251 13.59 -8.95 -6.13
C LEU A 251 13.81 -7.83 -7.14
N ASN A 252 13.54 -8.11 -8.42
CA ASN A 252 13.67 -7.10 -9.47
C ASN A 252 12.71 -5.90 -9.31
N ILE A 253 11.46 -6.19 -9.03
CA ILE A 253 10.46 -5.14 -8.82
C ILE A 253 10.87 -4.30 -7.63
N TYR A 254 11.09 -4.97 -6.51
CA TYR A 254 11.53 -4.27 -5.30
C TYR A 254 12.73 -3.39 -5.62
N SER A 255 13.68 -3.92 -6.38
CA SER A 255 14.94 -3.21 -6.65
C SER A 255 14.74 -1.99 -7.53
N GLN A 256 13.84 -2.06 -8.49
CA GLN A 256 13.62 -0.90 -9.33
C GLN A 256 13.01 0.24 -8.53
N GLU A 257 12.30 -0.09 -7.45
CA GLU A 257 11.76 0.93 -6.56
C GLU A 257 12.83 1.43 -5.61
N LEU A 258 13.60 0.51 -5.05
CA LEU A 258 14.64 0.88 -4.09
C LEU A 258 15.79 1.69 -4.71
N LEU A 259 16.21 1.31 -5.92
CA LEU A 259 17.40 1.89 -6.55
C LEU A 259 17.12 2.93 -7.65
N ASN A 260 16.38 2.53 -8.68
CA ASN A 260 16.09 3.38 -9.84
C ASN A 260 15.16 4.57 -9.54
N ARG A 261 14.12 4.33 -8.78
CA ARG A 261 13.15 5.39 -8.50
C ARG A 261 13.41 6.06 -7.16
N GLY A 262 14.09 5.34 -6.26
CA GLY A 262 14.22 5.76 -4.88
C GLY A 262 12.86 5.95 -4.20
N ASN A 263 11.91 5.09 -4.51
CA ASN A 263 10.61 5.19 -3.84
C ASN A 263 10.48 4.20 -2.69
N LEU A 264 10.93 4.62 -1.51
CA LEU A 264 10.93 3.75 -0.33
C LEU A 264 9.58 3.18 0.01
N ALA A 265 8.52 3.98 -0.16
CA ALA A 265 7.16 3.52 0.09
C ALA A 265 6.78 2.37 -0.84
N ALA A 266 7.13 2.49 -2.12
CA ALA A 266 6.82 1.42 -3.06
C ALA A 266 7.61 0.15 -2.72
N ALA A 267 8.88 0.30 -2.37
CA ALA A 267 9.69 -0.84 -1.95
C ALA A 267 9.05 -1.47 -0.73
N SER A 268 8.57 -0.61 0.16
CA SER A 268 7.84 -1.06 1.34
C SER A 268 6.53 -1.80 0.99
N ASP A 269 5.85 -1.36 -0.09
CA ASP A 269 4.63 -2.03 -0.56
C ASP A 269 4.90 -3.49 -0.92
N ILE A 270 6.04 -3.73 -1.57
CA ILE A 270 6.45 -5.08 -1.93
C ILE A 270 6.82 -5.93 -0.72
N VAL A 271 7.67 -5.39 0.15
CA VAL A 271 8.13 -6.14 1.30
C VAL A 271 6.97 -6.61 2.16
N ARG A 272 6.02 -5.71 2.44
CA ARG A 272 4.96 -6.03 3.38
C ARG A 272 4.12 -7.19 2.88
N LEU A 273 3.89 -7.26 1.58
CA LEU A 273 3.16 -8.40 1.00
C LEU A 273 3.94 -9.69 1.14
N LEU A 274 5.25 -9.63 0.92
CA LEU A 274 6.09 -10.81 1.06
C LEU A 274 6.16 -11.27 2.50
N ALA A 275 6.20 -10.30 3.41
CA ALA A 275 6.28 -10.64 4.82
C ALA A 275 4.99 -11.28 5.34
N LEU A 276 3.84 -10.75 4.90
CA LEU A 276 2.57 -11.33 5.29
C LEU A 276 2.45 -12.73 4.67
N LYS A 277 2.87 -12.85 3.41
CA LYS A 277 2.84 -14.12 2.73
C LYS A 277 3.58 -15.20 3.50
N ASN A 278 4.74 -14.85 4.01
CA ASN A 278 5.61 -15.83 4.63
C ASN A 278 5.36 -16.08 6.13
N PHE A 279 4.84 -15.06 6.81
CA PHE A 279 4.78 -15.11 8.26
C PHE A 279 3.37 -14.88 8.82
N GLY A 280 2.49 -14.30 8.02
CA GLY A 280 1.18 -13.92 8.52
C GLY A 280 1.25 -12.88 9.61
N GLY A 281 0.10 -12.32 9.96
CA GLY A 281 0.04 -11.32 11.01
C GLY A 281 -0.63 -10.03 10.61
N VAL A 282 -0.06 -8.94 11.10
CA VAL A 282 -0.57 -7.59 10.87
C VAL A 282 0.54 -6.68 10.35
N TYR A 283 0.32 -6.06 9.18
CA TYR A 283 1.20 -5.00 8.76
C TYR A 283 0.71 -3.59 9.16
N LEU A 284 1.66 -2.78 9.62
CA LEU A 284 1.35 -1.41 9.99
C LEU A 284 2.44 -0.47 9.50
N ASP A 285 2.06 0.55 8.73
CA ASP A 285 2.93 1.69 8.48
C ASP A 285 3.35 2.24 9.85
N VAL A 286 4.50 2.91 9.91
CA VAL A 286 5.02 3.34 11.21
C VAL A 286 4.32 4.57 11.78
N ASP A 287 3.38 5.13 11.03
CA ASP A 287 2.62 6.28 11.50
C ASP A 287 1.20 5.94 11.98
N MET A 288 0.87 4.66 12.03
CA MET A 288 -0.40 4.22 12.61
C MET A 288 -0.27 4.07 14.14
N LEU A 289 -1.38 4.27 14.86
CA LEU A 289 -1.42 4.04 16.29
C LEU A 289 -2.63 3.18 16.65
N PRO A 290 -2.54 2.43 17.78
CA PRO A 290 -3.64 1.58 18.25
C PRO A 290 -4.98 2.31 18.27
N GLY A 291 -6.07 1.55 18.22
CA GLY A 291 -7.39 2.14 18.27
C GLY A 291 -7.67 2.65 19.66
N ILE A 292 -8.44 3.73 19.74
CA ILE A 292 -8.89 4.25 21.02
C ILE A 292 -10.08 3.41 21.47
N HIS A 293 -10.19 3.15 22.78
CA HIS A 293 -11.34 2.44 23.33
C HIS A 293 -12.65 3.07 22.89
N SER A 294 -13.46 2.28 22.20
CA SER A 294 -14.67 2.76 21.54
C SER A 294 -15.61 3.59 22.44
N ASP A 295 -15.72 3.20 23.72
CA ASP A 295 -16.66 3.85 24.62
C ASP A 295 -16.04 4.94 25.48
N LEU A 296 -14.72 5.11 25.38
CA LEU A 296 -13.99 6.03 26.26
C LEU A 296 -14.52 7.46 26.18
N PHE A 297 -14.96 7.85 25.00
CA PHE A 297 -15.26 9.26 24.73
C PHE A 297 -16.73 9.55 24.45
N LYS A 298 -17.58 8.54 24.59
CA LYS A 298 -19.02 8.72 24.37
C LYS A 298 -19.63 9.92 25.10
N THR A 299 -19.24 10.11 26.36
CA THR A 299 -19.87 11.13 27.21
C THR A 299 -19.72 12.55 26.68
N ILE A 300 -18.67 12.80 25.91
CA ILE A 300 -18.41 14.12 25.37
C ILE A 300 -18.87 14.22 23.91
N SER A 301 -19.76 15.17 23.64
CA SER A 301 -20.38 15.28 22.32
C SER A 301 -19.62 16.21 21.38
N ARG A 302 -19.43 15.74 20.15
CA ARG A 302 -18.72 16.51 19.13
C ARG A 302 -19.50 17.78 18.78
N PRO A 303 -18.82 18.95 18.77
CA PRO A 303 -19.50 20.16 18.33
C PRO A 303 -19.82 20.08 16.85
N SER A 304 -20.91 20.73 16.42
CA SER A 304 -21.37 20.66 15.04
C SER A 304 -20.41 21.30 14.04
N SER A 305 -19.58 22.22 14.52
CA SER A 305 -18.66 22.93 13.64
C SER A 305 -17.41 22.11 13.30
N ILE A 306 -17.13 21.09 14.10
CA ILE A 306 -15.96 20.26 13.85
C ILE A 306 -16.33 19.00 13.07
N GLY A 307 -15.65 18.77 11.95
CA GLY A 307 -15.92 17.59 11.14
C GLY A 307 -15.51 16.29 11.81
N LEU A 308 -16.02 15.18 11.30
CA LEU A 308 -15.76 13.85 11.86
C LEU A 308 -14.27 13.52 11.99
N ASP A 309 -13.54 13.65 10.89
CA ASP A 309 -12.12 13.37 10.91
C ASP A 309 -11.40 14.23 11.96
N ARG A 310 -11.58 15.55 11.93
CA ARG A 310 -10.89 16.42 12.88
C ARG A 310 -11.29 16.14 14.33
N TRP A 311 -12.44 15.50 14.52
CA TRP A 311 -12.84 15.10 15.86
C TRP A 311 -11.97 13.92 16.33
N GLU A 312 -11.82 12.92 15.48
CA GLU A 312 -10.94 11.79 15.79
C GLU A 312 -9.52 12.28 16.09
N MET A 313 -9.05 13.26 15.31
CA MET A 313 -7.74 13.88 15.53
C MET A 313 -7.63 14.49 16.93
N ILE A 314 -8.63 15.28 17.29
CA ILE A 314 -8.66 15.97 18.57
C ILE A 314 -8.58 14.98 19.74
N LYS A 315 -9.37 13.92 19.66
CA LYS A 315 -9.33 12.83 20.65
C LYS A 315 -7.90 12.36 20.87
N LEU A 316 -7.16 12.22 19.78
CA LEU A 316 -5.80 11.72 19.87
C LEU A 316 -4.89 12.77 20.52
N GLU A 317 -5.00 14.02 20.07
CA GLU A 317 -4.22 15.12 20.64
C GLU A 317 -4.50 15.28 22.13
N ALA A 318 -5.74 15.00 22.52
CA ALA A 318 -6.15 15.10 23.92
C ALA A 318 -5.47 14.04 24.80
N ILE A 319 -5.56 12.78 24.39
CA ILE A 319 -4.90 11.69 25.12
C ILE A 319 -3.42 11.99 25.29
N MET A 320 -2.83 12.61 24.29
CA MET A 320 -1.41 12.96 24.31
C MET A 320 -1.08 14.21 25.12
N LYS A 321 -2.01 15.16 25.17
CA LYS A 321 -1.85 16.36 26.00
C LYS A 321 -1.58 15.99 27.46
N TYR A 322 -2.27 14.96 27.96
CA TYR A 322 -2.27 14.65 29.39
C TYR A 322 -1.43 13.43 29.77
N LYS A 323 -1.35 12.45 28.88
CA LYS A 323 -0.54 11.28 29.14
C LYS A 323 0.86 11.43 28.57
N LYS A 324 1.00 12.31 27.58
CA LYS A 324 2.29 12.57 26.95
C LYS A 324 3.06 11.29 26.55
N TYR A 325 2.32 10.29 26.06
CA TYR A 325 2.89 9.02 25.60
C TYR A 325 3.87 9.18 24.43
N ILE A 326 3.72 10.31 23.73
CA ILE A 326 4.52 10.68 22.56
C ILE A 326 4.84 12.19 22.63
N ASN A 327 6.05 12.52 23.03
CA ASN A 327 6.46 13.90 23.13
C ASN A 327 6.92 14.35 21.76
N ASN A 328 6.63 15.58 21.38
CA ASN A 328 5.68 16.45 22.06
C ASN A 328 4.49 16.55 21.10
N TYR A 329 3.60 15.57 21.16
CA TYR A 329 2.48 15.47 20.23
C TYR A 329 1.72 16.78 20.04
N THR A 330 1.46 17.14 18.79
CA THR A 330 0.73 18.36 18.48
C THR A 330 -0.55 18.50 19.30
N SER A 331 -0.95 19.74 19.51
CA SER A 331 -2.17 20.01 20.24
C SER A 331 -2.86 21.18 19.57
N GLU A 332 -2.42 21.46 18.34
CA GLU A 332 -2.95 22.58 17.55
C GLU A 332 -4.48 22.56 17.39
N ASN A 333 -5.07 21.37 17.30
CA ASN A 333 -6.52 21.24 17.13
C ASN A 333 -7.29 21.24 18.45
N PHE A 334 -6.69 20.64 19.48
CA PHE A 334 -7.33 20.53 20.78
C PHE A 334 -7.30 21.82 21.58
N ASP A 335 -6.29 22.65 21.35
CA ASP A 335 -6.18 23.93 22.04
C ASP A 335 -7.19 24.95 21.51
N LYS A 336 -7.68 24.72 20.29
CA LYS A 336 -8.73 25.54 19.68
C LYS A 336 -10.10 25.30 20.32
N LEU A 337 -10.24 24.14 20.98
CA LEU A 337 -11.44 23.83 21.74
C LEU A 337 -11.74 24.90 22.80
N ASP A 338 -13.01 25.23 22.98
CA ASP A 338 -13.37 26.13 24.08
C ASP A 338 -13.04 25.42 25.41
N GLN A 339 -12.94 26.19 26.49
CA GLN A 339 -12.46 25.66 27.76
C GLN A 339 -13.26 24.46 28.25
N GLN A 340 -14.55 24.70 28.52
CA GLN A 340 -15.45 23.69 29.07
C GLN A 340 -15.20 22.32 28.46
N LEU A 341 -14.82 22.32 27.19
CA LEU A 341 -14.56 21.08 26.45
C LEU A 341 -13.22 20.47 26.83
N LYS A 342 -12.16 21.27 26.73
CA LYS A 342 -10.86 20.85 27.22
C LYS A 342 -10.93 20.16 28.59
N ASP A 343 -11.73 20.69 29.51
CA ASP A 343 -11.80 20.14 30.86
C ASP A 343 -12.52 18.80 30.91
N ASN A 344 -13.45 18.60 29.99
CA ASN A 344 -14.15 17.33 29.88
C ASN A 344 -13.20 16.23 29.41
N PHE A 345 -12.26 16.60 28.55
CA PHE A 345 -11.21 15.68 28.11
C PHE A 345 -10.21 15.47 29.23
N LYS A 346 -9.82 16.55 29.90
CA LYS A 346 -8.83 16.47 30.96
C LYS A 346 -9.33 15.50 32.04
N LEU A 347 -10.58 15.69 32.47
CA LEU A 347 -11.18 14.85 33.50
C LEU A 347 -11.15 13.37 33.11
N ILE A 348 -11.72 13.04 31.96
CA ILE A 348 -11.80 11.66 31.52
C ILE A 348 -10.42 11.00 31.41
N ILE A 349 -9.53 11.64 30.65
CA ILE A 349 -8.21 11.06 30.39
C ILE A 349 -7.34 10.88 31.64
N GLU A 350 -7.36 11.86 32.53
CA GLU A 350 -6.53 11.82 33.74
C GLU A 350 -7.03 10.82 34.77
N SER A 351 -8.30 10.45 34.64
CA SER A 351 -8.92 9.47 35.53
C SER A 351 -8.43 8.06 35.23
N LYS A 352 -8.32 7.76 33.94
CA LYS A 352 -7.77 6.50 33.49
C LYS A 352 -6.37 6.34 34.06
N SER A 353 -6.03 5.12 34.44
CA SER A 353 -4.80 4.89 35.19
C SER A 353 -3.70 4.27 34.34
N GLU A 354 -4.10 3.35 33.46
CA GLU A 354 -3.15 2.58 32.67
C GLU A 354 -3.38 2.76 31.16
N LYS A 355 -2.29 2.90 30.41
CA LYS A 355 -2.36 2.94 28.96
C LYS A 355 -3.29 1.82 28.48
N SER A 356 -3.27 0.71 29.23
CA SER A 356 -4.12 -0.45 29.01
C SER A 356 -5.56 -0.10 28.66
N GLU A 357 -6.10 0.91 29.32
CA GLU A 357 -7.51 1.26 29.22
C GLU A 357 -7.75 2.59 28.48
N ILE A 358 -6.74 3.04 27.73
CA ILE A 358 -6.89 4.19 26.85
C ILE A 358 -6.97 3.74 25.39
N PHE A 359 -6.19 2.71 25.07
CA PHE A 359 -6.16 2.12 23.74
C PHE A 359 -6.62 0.67 23.83
N SER A 360 -7.21 0.19 22.75
CA SER A 360 -7.72 -1.18 22.70
C SER A 360 -6.58 -2.14 22.34
N LYS A 361 -6.58 -3.32 22.97
CA LYS A 361 -5.64 -4.39 22.62
C LYS A 361 -6.19 -5.07 21.38
N LEU A 362 -5.30 -5.48 20.47
CA LEU A 362 -5.74 -6.22 19.30
C LEU A 362 -6.35 -7.58 19.67
N GLU A 363 -5.84 -8.21 20.73
CA GLU A 363 -6.36 -9.53 21.12
C GLU A 363 -6.29 -10.53 19.96
N ASN A 364 -7.28 -11.41 19.85
CA ASN A 364 -7.39 -12.31 18.70
C ASN A 364 -8.06 -11.63 17.50
N LEU A 365 -7.37 -11.67 16.36
CA LEU A 365 -8.00 -11.18 15.14
C LEU A 365 -8.37 -12.38 14.32
N ASN A 366 -9.64 -12.74 14.35
CA ASN A 366 -10.12 -13.94 13.66
C ASN A 366 -10.35 -13.69 12.18
N VAL A 367 -9.56 -14.35 11.33
CA VAL A 367 -9.74 -14.25 9.88
C VAL A 367 -9.72 -15.63 9.25
N SER A 368 -10.03 -15.69 7.96
CA SER A 368 -9.94 -16.96 7.24
C SER A 368 -8.66 -17.01 6.40
N ASP A 369 -8.24 -18.21 6.03
CA ASP A 369 -7.06 -18.41 5.20
C ASP A 369 -7.24 -17.88 3.77
N LEU A 370 -8.46 -17.48 3.43
CA LEU A 370 -8.70 -16.88 2.12
C LEU A 370 -8.44 -15.38 2.06
N GLU A 371 -8.62 -14.68 3.17
CA GLU A 371 -8.74 -13.21 3.09
C GLU A 371 -7.54 -12.41 3.50
N ILE A 372 -7.57 -11.13 3.15
CA ILE A 372 -6.67 -10.17 3.73
C ILE A 372 -7.54 -8.99 4.10
N LYS A 373 -7.38 -8.44 5.28
CA LYS A 373 -8.18 -7.26 5.67
C LYS A 373 -7.37 -5.98 5.53
N ILE A 374 -8.05 -4.89 5.18
CA ILE A 374 -7.37 -3.65 4.86
C ILE A 374 -8.13 -2.45 5.41
N ALA A 375 -7.42 -1.37 5.70
CA ALA A 375 -8.04 -0.15 6.20
C ALA A 375 -8.66 0.65 5.08
N PHE A 376 -9.56 1.55 5.45
CA PHE A 376 -10.22 2.44 4.51
C PHE A 376 -9.78 3.88 4.73
N ALA A 377 -10.07 4.72 3.75
CA ALA A 377 -9.77 6.14 3.79
C ALA A 377 -10.44 6.82 2.61
N LEU A 378 -11.32 7.76 2.89
CA LEU A 378 -11.86 8.63 1.84
C LEU A 378 -12.55 7.88 0.70
N GLY A 379 -13.05 6.69 0.98
CA GLY A 379 -13.84 5.97 -0.01
C GLY A 379 -13.07 4.87 -0.70
N SER A 380 -11.77 4.82 -0.44
CA SER A 380 -10.91 3.77 -0.98
C SER A 380 -10.20 2.98 0.11
N VAL A 381 -9.79 1.76 -0.23
CA VAL A 381 -8.95 0.99 0.66
C VAL A 381 -7.63 1.75 0.71
N ILE A 382 -6.85 1.49 1.76
CA ILE A 382 -5.52 2.05 1.87
C ILE A 382 -4.66 1.03 2.62
N ASN A 383 -3.47 0.74 2.12
CA ASN A 383 -2.72 -0.41 2.64
C ASN A 383 -1.72 -0.11 3.76
N GLN A 384 -2.00 0.92 4.54
CA GLN A 384 -1.15 1.29 5.68
C GLN A 384 -1.38 0.35 6.85
N ALA A 385 -2.50 -0.36 6.85
CA ALA A 385 -2.78 -1.38 7.86
C ALA A 385 -3.39 -2.64 7.22
N LEU A 386 -2.85 -3.81 7.52
CA LEU A 386 -3.31 -5.07 6.91
C LEU A 386 -3.34 -6.25 7.88
N ILE A 387 -4.26 -7.18 7.64
CA ILE A 387 -4.29 -8.44 8.37
C ILE A 387 -4.41 -9.61 7.41
N SER A 388 -3.51 -10.58 7.57
CA SER A 388 -3.51 -11.76 6.73
C SER A 388 -2.79 -12.91 7.39
N LYS A 389 -3.42 -14.08 7.36
CA LYS A 389 -2.74 -15.31 7.73
C LYS A 389 -1.64 -15.55 6.71
N GLN A 390 -0.62 -16.30 7.12
CA GLN A 390 0.45 -16.63 6.19
C GLN A 390 -0.11 -17.44 5.02
N GLY A 391 0.33 -17.11 3.81
CA GLY A 391 -0.10 -17.83 2.63
C GLY A 391 -1.56 -17.69 2.24
N SER A 392 -2.20 -16.59 2.60
CA SER A 392 -3.62 -16.46 2.27
C SER A 392 -3.85 -16.27 0.76
N TYR A 393 -4.93 -16.86 0.27
CA TYR A 393 -5.33 -16.78 -1.14
C TYR A 393 -5.31 -15.34 -1.68
N LEU A 394 -6.00 -14.45 -0.98
CA LEU A 394 -6.12 -13.06 -1.41
C LEU A 394 -4.77 -12.36 -1.43
N THR A 395 -3.97 -12.57 -0.39
CA THR A 395 -2.62 -12.01 -0.37
C THR A 395 -1.86 -12.45 -1.63
N ASN A 396 -2.03 -13.70 -2.05
CA ASN A 396 -1.41 -14.14 -3.29
C ASN A 396 -2.00 -13.41 -4.50
N LEU A 397 -3.31 -13.21 -4.49
CA LEU A 397 -3.96 -12.48 -5.57
C LEU A 397 -3.33 -11.08 -5.69
N VAL A 398 -3.21 -10.39 -4.56
CA VAL A 398 -2.60 -9.07 -4.56
C VAL A 398 -1.19 -9.12 -5.12
N ILE A 399 -0.38 -10.07 -4.65
CA ILE A 399 0.98 -10.20 -5.15
C ILE A 399 1.00 -10.43 -6.66
N GLU A 400 0.11 -11.31 -7.13
CA GLU A 400 -0.04 -11.54 -8.56
C GLU A 400 -0.43 -10.26 -9.34
N GLN A 401 -1.39 -9.49 -8.82
CA GLN A 401 -1.77 -8.22 -9.42
C GLN A 401 -0.53 -7.36 -9.57
N VAL A 402 0.24 -7.28 -8.49
CA VAL A 402 1.45 -6.46 -8.49
C VAL A 402 2.41 -6.91 -9.58
N LYS A 403 2.70 -8.20 -9.66
CA LYS A 403 3.60 -8.70 -10.71
C LYS A 403 3.05 -8.45 -12.12
N ASN A 404 1.74 -8.61 -12.30
CA ASN A 404 1.12 -8.36 -13.61
C ASN A 404 1.22 -6.90 -14.05
N ARG A 405 1.07 -6.00 -13.08
CA ARG A 405 1.12 -4.58 -13.37
C ARG A 405 2.52 -4.15 -13.76
N TYR A 406 3.52 -4.45 -12.92
CA TYR A 406 4.93 -4.22 -13.23
C TYR A 406 5.36 -4.78 -14.57
N GLN A 407 4.96 -6.01 -14.85
CA GLN A 407 5.25 -6.64 -16.13
C GLN A 407 4.81 -5.75 -17.30
N PHE A 408 3.58 -5.25 -17.21
CA PHE A 408 3.05 -4.36 -18.25
C PHE A 408 3.82 -3.06 -18.30
N LEU A 409 3.97 -2.44 -17.14
CA LEU A 409 4.77 -1.23 -17.00
C LEU A 409 6.15 -1.37 -17.68
N ASN A 410 6.88 -2.39 -17.26
CA ASN A 410 8.27 -2.54 -17.69
C ASN A 410 8.41 -2.96 -19.13
N GLN A 411 7.38 -3.58 -19.67
CA GLN A 411 7.41 -3.97 -21.06
C GLN A 411 7.46 -2.75 -21.94
N HIS A 412 6.88 -1.65 -21.47
CA HIS A 412 6.86 -0.40 -22.23
C HIS A 412 7.90 0.57 -21.72
N LEU A 413 8.20 0.48 -20.43
CA LEU A 413 9.17 1.38 -19.83
C LEU A 413 10.62 1.01 -20.17
N ASN A 414 10.95 -0.28 -20.15
CA ASN A 414 12.34 -0.72 -20.30
C ASN A 414 13.03 -0.15 -21.54
N PRO A 415 12.41 -0.29 -22.71
CA PRO A 415 13.07 0.18 -23.94
C PRO A 415 13.25 1.69 -23.89
N ALA A 416 12.25 2.38 -23.37
CA ALA A 416 12.32 3.83 -23.25
C ALA A 416 13.54 4.26 -22.42
N ILE A 417 13.71 3.62 -21.27
CA ILE A 417 14.87 3.93 -20.45
C ILE A 417 16.16 3.59 -21.21
N GLU A 418 16.19 2.37 -21.73
CA GLU A 418 17.33 1.84 -22.46
C GLU A 418 17.92 2.85 -23.45
N SER A 419 17.08 3.77 -23.93
CA SER A 419 17.48 4.70 -24.98
C SER A 419 18.41 5.82 -24.51
N ASP A 420 18.59 5.95 -23.21
CA ASP A 420 19.46 7.00 -22.69
C ASP A 420 18.99 8.40 -23.10
N ASN A 421 17.78 8.50 -23.65
CA ASN A 421 17.24 9.81 -23.89
C ASN A 421 17.10 10.60 -22.58
N ASN A 422 16.97 11.91 -22.69
CA ASN A 422 16.69 12.73 -21.52
C ASN A 422 15.26 12.45 -21.05
N PHE A 423 14.84 13.14 -20.00
CA PHE A 423 13.57 12.84 -19.37
C PHE A 423 12.37 12.99 -20.32
N THR A 424 12.31 14.13 -20.97
CA THR A 424 11.19 14.46 -21.83
C THR A 424 11.02 13.44 -22.94
N ASP A 425 12.13 13.10 -23.59
CA ASP A 425 12.13 12.20 -24.74
C ASP A 425 11.95 10.76 -24.31
N THR A 426 12.43 10.44 -23.12
CA THR A 426 12.25 9.11 -22.57
C THR A 426 10.78 8.91 -22.29
N THR A 427 10.13 9.96 -21.81
CA THR A 427 8.70 9.91 -21.51
C THR A 427 7.83 9.68 -22.74
N LYS A 428 8.13 10.40 -23.81
CA LYS A 428 7.45 10.22 -25.07
C LYS A 428 7.62 8.80 -25.62
N ILE A 429 8.85 8.28 -25.60
CA ILE A 429 9.07 6.93 -26.09
C ILE A 429 8.23 5.95 -25.26
N PHE A 430 8.19 6.18 -23.95
CA PHE A 430 7.41 5.34 -23.04
C PHE A 430 5.93 5.44 -23.38
N HIS A 431 5.43 6.67 -23.47
CA HIS A 431 4.00 6.91 -23.69
C HIS A 431 3.50 6.41 -25.04
N ASP A 432 4.28 6.62 -26.09
CA ASP A 432 3.84 6.23 -27.41
C ASP A 432 3.60 4.75 -27.39
N SER A 433 4.54 4.02 -26.78
CA SER A 433 4.45 2.58 -26.66
C SER A 433 3.26 2.17 -25.78
N LEU A 434 3.29 2.61 -24.54
CA LEU A 434 2.23 2.31 -23.60
C LEU A 434 0.82 2.54 -24.18
N PHE A 435 0.58 3.73 -24.73
CA PHE A 435 -0.76 4.07 -25.21
C PHE A 435 -1.13 3.40 -26.53
N ASN A 436 -0.13 2.94 -27.28
CA ASN A 436 -0.46 2.16 -28.47
C ASN A 436 -1.11 0.82 -28.12
N SER A 437 -0.96 0.39 -26.88
CA SER A 437 -1.61 -0.87 -26.51
C SER A 437 -2.86 -0.66 -25.67
N ALA A 438 -3.43 0.54 -25.72
CA ALA A 438 -4.60 0.90 -24.92
C ALA A 438 -5.92 0.28 -25.40
N THR A 439 -6.69 -0.26 -24.46
CA THR A 439 -8.04 -0.76 -24.74
C THR A 439 -9.02 -0.18 -23.74
N ALA A 440 -10.31 -0.30 -24.00
CA ALA A 440 -11.29 0.20 -23.05
C ALA A 440 -10.98 -0.33 -21.65
N GLU A 441 -10.62 -1.60 -21.60
CA GLU A 441 -10.36 -2.27 -20.33
C GLU A 441 -9.13 -1.72 -19.57
N ASN A 442 -8.04 -1.42 -20.27
CA ASN A 442 -6.86 -0.97 -19.53
C ASN A 442 -6.61 0.54 -19.50
N SER A 443 -7.44 1.31 -20.22
CA SER A 443 -7.09 2.70 -20.49
C SER A 443 -6.83 3.45 -19.18
N MET A 444 -7.69 3.27 -18.20
CA MET A 444 -7.52 3.95 -16.93
C MET A 444 -6.15 3.63 -16.32
N PHE A 445 -5.91 2.35 -16.10
CA PHE A 445 -4.61 1.89 -15.62
C PHE A 445 -3.45 2.57 -16.33
N LEU A 446 -3.54 2.62 -17.65
CA LEU A 446 -2.48 3.18 -18.48
C LEU A 446 -2.29 4.66 -18.20
N THR A 447 -3.40 5.35 -18.02
CA THR A 447 -3.37 6.77 -17.68
C THR A 447 -2.68 6.96 -16.34
N LYS A 448 -3.00 6.09 -15.38
CA LYS A 448 -2.50 6.24 -14.01
C LYS A 448 -1.03 5.87 -13.86
N ILE A 449 -0.49 5.10 -14.80
CA ILE A 449 0.96 4.83 -14.75
C ILE A 449 1.84 5.69 -15.67
N ALA A 450 1.23 6.50 -16.53
CA ALA A 450 2.01 7.31 -17.46
C ALA A 450 3.06 8.18 -16.74
N PRO A 451 2.70 8.77 -15.60
CA PRO A 451 3.71 9.63 -14.99
C PRO A 451 4.59 8.90 -13.97
N TYR A 452 4.69 7.58 -14.08
CA TYR A 452 5.53 6.77 -13.19
C TYR A 452 6.90 7.36 -12.82
N LEU A 453 7.68 7.76 -13.83
CA LEU A 453 9.03 8.27 -13.61
C LEU A 453 9.09 9.50 -12.71
N GLN A 454 7.95 10.18 -12.56
CA GLN A 454 7.90 11.43 -11.83
C GLN A 454 7.46 11.19 -10.40
N VAL A 455 7.01 9.97 -10.11
CA VAL A 455 6.54 9.67 -8.76
C VAL A 455 7.63 9.97 -7.74
N GLY A 456 7.34 10.89 -6.83
CA GLY A 456 8.28 11.22 -5.79
C GLY A 456 8.91 12.59 -5.91
N PHE A 457 8.81 13.20 -7.09
CA PHE A 457 9.55 14.42 -7.36
C PHE A 457 8.68 15.52 -7.93
N MET A 458 7.49 15.17 -8.36
CA MET A 458 6.56 16.13 -8.90
C MET A 458 5.29 16.05 -8.08
N PRO A 459 4.48 17.11 -8.10
CA PRO A 459 3.21 17.03 -7.40
C PRO A 459 2.25 16.09 -8.12
N GLU A 460 1.47 15.35 -7.36
CA GLU A 460 0.38 14.54 -7.89
C GLU A 460 0.82 13.48 -8.92
N ALA A 461 2.01 12.95 -8.73
CA ALA A 461 2.41 11.77 -9.48
C ALA A 461 2.17 10.63 -8.51
N ARG A 462 1.14 9.85 -8.79
CA ARG A 462 0.63 8.89 -7.82
C ARG A 462 0.43 7.54 -8.48
N SER A 463 1.32 7.23 -9.40
CA SER A 463 1.33 5.96 -10.10
C SER A 463 1.41 4.81 -9.11
N THR A 464 2.14 5.01 -8.01
CA THR A 464 2.33 3.94 -7.02
C THR A 464 1.04 3.24 -6.67
N ILE A 465 -0.03 4.02 -6.54
CA ILE A 465 -1.33 3.47 -6.19
C ILE A 465 -1.71 2.29 -7.07
N SER A 466 -1.34 2.36 -8.35
CA SER A 466 -1.84 1.39 -9.31
C SER A 466 -0.86 0.29 -9.65
N LEU A 467 0.37 0.42 -9.13
CA LEU A 467 1.36 -0.63 -9.24
C LEU A 467 1.34 -1.53 -8.00
N SER A 468 1.80 -0.97 -6.88
CA SER A 468 2.11 -1.76 -5.70
C SER A 468 1.22 -1.40 -4.54
N GLY A 469 0.51 -0.28 -4.68
CA GLY A 469 -0.34 0.20 -3.62
C GLY A 469 -1.79 -0.24 -3.72
N PRO A 470 -2.69 0.58 -3.18
CA PRO A 470 -4.13 0.32 -3.04
C PRO A 470 -4.79 -0.25 -4.29
N GLY A 471 -4.61 0.39 -5.43
CA GLY A 471 -5.21 -0.12 -6.66
C GLY A 471 -5.03 -1.62 -6.89
N ALA A 472 -3.82 -2.13 -6.66
CA ALA A 472 -3.58 -3.56 -6.83
C ALA A 472 -4.47 -4.36 -5.85
N TYR A 473 -4.57 -3.91 -4.62
CA TYR A 473 -5.40 -4.61 -3.64
C TYR A 473 -6.85 -4.63 -4.11
N ALA A 474 -7.29 -3.47 -4.60
CA ALA A 474 -8.70 -3.22 -4.89
C ALA A 474 -9.21 -4.11 -6.02
N SER A 475 -8.40 -4.25 -7.06
CA SER A 475 -8.64 -5.20 -8.12
C SER A 475 -8.52 -6.65 -7.65
N ALA A 476 -7.67 -6.91 -6.67
CA ALA A 476 -7.52 -8.27 -6.19
C ALA A 476 -8.83 -8.65 -5.48
N TYR A 477 -9.38 -7.70 -4.75
CA TYR A 477 -10.69 -7.93 -4.15
C TYR A 477 -11.73 -8.24 -5.22
N TYR A 478 -11.85 -7.33 -6.18
CA TYR A 478 -12.72 -7.60 -7.31
C TYR A 478 -12.57 -9.02 -7.84
N ASP A 479 -11.32 -9.49 -7.99
CA ASP A 479 -11.05 -10.83 -8.54
C ASP A 479 -11.67 -11.82 -7.60
N PHE A 480 -11.36 -11.63 -6.33
CA PHE A 480 -11.79 -12.56 -5.33
C PHE A 480 -13.31 -12.59 -5.23
N ILE A 481 -13.91 -11.43 -5.00
CA ILE A 481 -15.35 -11.34 -4.81
C ILE A 481 -16.16 -11.81 -6.02
N ASN A 482 -15.62 -11.63 -7.22
CA ASN A 482 -16.37 -11.96 -8.41
C ASN A 482 -15.89 -13.21 -9.11
N LEU A 483 -14.95 -13.91 -8.47
CA LEU A 483 -14.40 -15.12 -9.03
C LEU A 483 -13.83 -14.84 -10.41
N GLN A 484 -13.12 -13.72 -10.53
CA GLN A 484 -12.47 -13.32 -11.76
C GLN A 484 -10.97 -13.47 -11.59
N GLU A 485 -10.24 -13.23 -12.67
CA GLU A 485 -8.78 -13.33 -12.64
C GLU A 485 -8.16 -12.14 -13.33
N ASN A 486 -7.02 -11.68 -12.83
CA ASN A 486 -6.24 -10.68 -13.54
C ASN A 486 -7.03 -9.42 -13.88
N THR A 487 -7.96 -9.03 -13.04
CA THR A 487 -8.77 -7.84 -13.28
C THR A 487 -7.92 -6.55 -13.28
N ILE A 488 -8.01 -5.77 -14.36
CA ILE A 488 -7.24 -4.53 -14.47
C ILE A 488 -8.10 -3.27 -14.48
N GLU A 489 -9.34 -3.41 -14.93
CA GLU A 489 -10.24 -2.27 -15.10
C GLU A 489 -10.99 -1.83 -13.86
N LYS A 490 -11.45 -2.79 -13.08
CA LYS A 490 -12.32 -2.46 -11.96
C LYS A 490 -11.63 -2.57 -10.62
N THR A 491 -11.96 -1.64 -9.72
CA THR A 491 -11.48 -1.71 -8.36
C THR A 491 -12.66 -1.61 -7.41
N LEU A 492 -12.69 -2.53 -6.44
CA LEU A 492 -13.66 -2.47 -5.37
C LEU A 492 -13.31 -1.30 -4.44
N LYS A 493 -14.33 -0.59 -3.97
CA LYS A 493 -14.11 0.54 -3.07
C LYS A 493 -14.60 0.26 -1.66
N ALA A 494 -14.46 1.23 -0.78
CA ALA A 494 -14.73 1.03 0.64
C ALA A 494 -16.17 0.56 0.90
N SER A 495 -17.12 1.06 0.10
CA SER A 495 -18.53 0.71 0.27
C SER A 495 -18.79 -0.72 -0.21
N ASP A 496 -17.82 -1.29 -0.93
CA ASP A 496 -17.93 -2.65 -1.43
C ASP A 496 -17.32 -3.67 -0.46
N LEU A 497 -16.42 -3.21 0.41
CA LEU A 497 -15.53 -4.13 1.13
C LEU A 497 -15.74 -4.20 2.63
N ILE A 498 -16.96 -3.96 3.09
CA ILE A 498 -17.22 -3.94 4.52
C ILE A 498 -16.79 -5.27 5.17
N GLU A 499 -16.88 -6.35 4.41
CA GLU A 499 -16.50 -7.66 4.89
C GLU A 499 -14.98 -7.80 5.02
N PHE A 500 -14.22 -6.89 4.43
CA PHE A 500 -12.78 -7.02 4.47
C PHE A 500 -12.08 -5.86 5.15
N LYS A 501 -12.87 -4.99 5.76
CA LYS A 501 -12.34 -3.88 6.51
C LYS A 501 -11.52 -4.32 7.75
N PHE A 502 -10.32 -3.75 7.89
CA PHE A 502 -9.58 -3.71 9.16
C PHE A 502 -10.49 -3.10 10.25
N PRO A 503 -10.73 -3.83 11.36
CA PRO A 503 -11.71 -3.43 12.38
C PRO A 503 -11.52 -2.01 12.90
N GLU A 504 -12.57 -1.20 12.79
CA GLU A 504 -12.49 0.24 13.01
C GLU A 504 -11.94 0.63 14.39
N ASN A 505 -12.24 -0.18 15.39
CA ASN A 505 -11.85 0.09 16.76
C ASN A 505 -10.46 -0.42 17.10
N ASN A 506 -9.77 -0.95 16.10
CA ASN A 506 -8.42 -1.50 16.29
C ASN A 506 -7.27 -0.60 15.81
N LEU A 507 -7.62 0.48 15.11
CA LEU A 507 -6.63 1.29 14.40
C LEU A 507 -6.91 2.78 14.55
N SER A 508 -5.88 3.54 14.91
CA SER A 508 -5.92 4.99 14.77
C SER A 508 -5.09 5.43 13.58
N GLN A 509 -5.74 5.51 12.42
CA GLN A 509 -5.28 6.33 11.33
C GLN A 509 -5.48 7.74 11.87
N LEU A 510 -5.23 8.77 11.07
CA LEU A 510 -5.46 10.13 11.54
C LEU A 510 -4.47 10.56 12.64
N THR A 511 -3.31 9.91 12.66
CA THR A 511 -2.22 10.28 13.54
C THR A 511 -1.57 11.59 13.04
N GLU A 512 -0.78 12.23 13.90
CA GLU A 512 -0.06 13.44 13.50
C GLU A 512 0.99 13.15 12.41
N GLN A 513 1.67 12.02 12.54
CA GLN A 513 2.65 11.62 11.55
C GLN A 513 2.02 11.27 10.19
N GLU A 514 0.80 10.71 10.22
CA GLU A 514 0.12 10.30 9.00
C GLU A 514 -0.30 11.49 8.15
N ILE A 515 -0.34 12.66 8.78
CA ILE A 515 -0.82 13.84 8.11
C ILE A 515 0.02 14.27 6.91
N ASN A 516 1.24 13.73 6.80
CA ASN A 516 2.15 14.06 5.70
C ASN A 516 2.85 12.84 5.09
N SER A 517 3.03 12.85 3.77
CA SER A 517 3.57 11.70 3.04
C SER A 517 5.09 11.79 2.77
N LEU A 518 5.68 10.63 2.44
CA LEU A 518 7.14 10.50 2.27
C LEU A 518 7.55 9.93 0.91
N TRP A 519 6.57 9.70 0.04
CA TRP A 519 6.85 9.30 -1.35
C TRP A 519 6.13 10.23 -2.32
N SER A 520 5.26 11.09 -1.75
CA SER A 520 4.46 12.03 -2.54
C SER A 520 4.19 13.31 -1.76
N PHE A 521 3.67 14.32 -2.46
CA PHE A 521 3.22 15.56 -1.85
C PHE A 521 2.20 16.24 -2.78
N ASP A 522 1.29 17.01 -2.18
CA ASP A 522 0.21 17.67 -2.92
C ASP A 522 0.62 19.01 -3.55
N GLN A 523 -0.21 19.48 -4.48
CA GLN A 523 0.07 20.70 -5.24
C GLN A 523 0.22 21.95 -4.36
N ALA A 524 -0.39 21.92 -3.18
CA ALA A 524 -0.37 23.05 -2.26
C ALA A 524 0.90 23.09 -1.41
N SER A 525 1.49 21.93 -1.18
CA SER A 525 2.78 21.85 -0.51
C SER A 525 3.86 22.00 -1.59
N ALA A 526 3.49 21.72 -2.83
CA ALA A 526 4.34 21.99 -3.97
C ALA A 526 4.54 23.51 -4.08
N LYS A 527 3.43 24.25 -4.13
CA LYS A 527 3.47 25.71 -4.09
C LYS A 527 4.13 26.18 -2.80
N TYR A 528 4.11 25.32 -1.79
CA TYR A 528 4.72 25.62 -0.52
C TYR A 528 6.22 25.32 -0.48
N GLN A 529 6.59 24.07 -0.76
CA GLN A 529 7.99 23.67 -0.81
C GLN A 529 8.74 24.57 -1.76
N PHE A 530 8.08 24.87 -2.88
CA PHE A 530 8.63 25.78 -3.88
C PHE A 530 9.13 27.07 -3.24
N GLU A 531 8.23 27.74 -2.53
CA GLU A 531 8.59 28.97 -1.84
C GLU A 531 9.73 28.75 -0.85
N LYS A 532 9.59 27.76 0.02
CA LYS A 532 10.67 27.40 0.95
C LYS A 532 12.00 27.31 0.19
N TYR A 533 11.96 26.62 -0.95
CA TYR A 533 13.13 26.49 -1.83
C TYR A 533 13.65 27.86 -2.27
N VAL A 534 12.76 28.69 -2.81
CA VAL A 534 13.17 29.98 -3.34
C VAL A 534 13.57 30.92 -2.20
N ARG A 535 12.74 31.00 -1.17
CA ARG A 535 13.08 31.77 0.01
C ARG A 535 14.52 31.43 0.39
N ASP A 536 14.77 30.15 0.63
CA ASP A 536 16.10 29.69 1.02
C ASP A 536 17.18 30.09 0.01
N TYR A 537 16.91 29.87 -1.28
CA TYR A 537 17.90 30.13 -2.33
C TYR A 537 18.38 31.59 -2.31
N THR A 538 17.69 32.44 -1.55
CA THR A 538 18.10 33.82 -1.37
C THR A 538 19.56 33.94 -0.91
#